data_8F0Y
#
_entry.id   8F0Y
#
_cell.length_a   32.672
_cell.length_b   33.038
_cell.length_c   38.640
_cell.angle_alpha   100.765
_cell.angle_beta   99.681
_cell.angle_gamma   103.599
#
_symmetry.space_group_name_H-M   'P 1'
#
loop_
_entity.id
_entity.type
_entity.pdbx_description
1 polymer 'Milk protein'
2 non-polymer 2-acetamido-2-deoxy-beta-D-glucopyranose
3 water water
#
_entity_poly.entity_id   1
_entity_poly.type   'polypeptide(L)'
_entity_poly.pdbx_seq_one_letter_code
;KEPCPPENLQLTPRALVGKWYLRTTSPDIFKQVSNITEFYSAHGNDYYGTVTDYSPEYGLEAHRVNLTVSGRTLKFYMND
THEYDSKYEILAVDKDYFIFYGHPPAAPSGLALIHYRQSCPKEDVIKRVKKALKNVCLDYKYFGNDTSVPCHYVE
;
_entity_poly.pdbx_strand_id   A
#
# COMPACT_ATOMS: atom_id res chain seq x y z
N LYS A 1 1.01 12.47 -9.26
CA LYS A 1 2.10 13.44 -9.01
C LYS A 1 3.25 12.69 -8.35
N GLU A 2 4.46 12.99 -8.84
CA GLU A 2 5.67 12.46 -8.25
C GLU A 2 5.80 13.19 -6.91
N PRO A 3 6.14 12.49 -5.83
CA PRO A 3 6.44 13.13 -4.55
C PRO A 3 7.86 13.66 -4.46
N CYS A 4 8.20 14.26 -3.33
CA CYS A 4 9.55 14.66 -2.98
C CYS A 4 9.99 13.89 -1.73
N PRO A 5 10.55 12.70 -1.91
CA PRO A 5 10.85 11.85 -0.76
C PRO A 5 11.83 12.51 0.23
N PRO A 6 11.86 12.13 1.53
CA PRO A 6 12.44 13.01 2.57
C PRO A 6 13.89 12.78 3.01
N LEU A 11 13.91 3.13 6.41
CA LEU A 11 13.09 1.96 6.81
C LEU A 11 13.84 1.12 7.84
N THR A 12 13.47 1.20 9.13
CA THR A 12 14.00 0.31 10.15
C THR A 12 13.70 -1.14 9.80
N PRO A 13 14.49 -2.09 10.32
CA PRO A 13 14.13 -3.50 10.21
C PRO A 13 12.82 -3.83 10.94
N ARG A 14 12.00 -4.58 10.18
CA ARG A 14 10.88 -5.34 10.67
C ARG A 14 9.66 -4.44 10.79
N ALA A 15 9.75 -3.24 10.24
CA ALA A 15 8.65 -2.29 10.39
C ALA A 15 7.42 -2.70 9.59
N LEU A 16 7.49 -3.51 8.54
CA LEU A 16 6.27 -3.86 7.83
C LEU A 16 5.73 -5.20 8.29
N VAL A 17 6.26 -5.76 9.39
CA VAL A 17 5.83 -7.07 9.86
C VAL A 17 4.38 -6.97 10.30
N GLY A 18 3.58 -7.95 9.90
CA GLY A 18 2.20 -7.97 10.31
C GLY A 18 1.19 -7.90 9.20
N LYS A 19 -0.05 -7.58 9.65
CA LYS A 19 -1.27 -7.45 8.86
C LYS A 19 -1.52 -5.98 8.54
N TRP A 20 -1.78 -5.69 7.24
CA TRP A 20 -2.05 -4.35 6.74
C TRP A 20 -3.19 -4.45 5.76
N TYR A 21 -3.97 -3.37 5.66
CA TYR A 21 -5.04 -3.15 4.68
C TYR A 21 -4.62 -1.99 3.80
N LEU A 22 -4.70 -2.24 2.50
CA LEU A 22 -4.36 -1.22 1.57
C LEU A 22 -5.66 -0.57 1.19
N ARG A 23 -5.96 0.62 1.80
CA ARG A 23 -7.27 1.26 1.64
C ARG A 23 -7.29 2.57 0.79
N THR A 24 -6.15 3.09 0.36
CA THR A 24 -6.04 4.39 -0.26
C THR A 24 -4.86 4.37 -1.23
N THR A 25 -5.14 4.87 -2.43
CA THR A 25 -4.22 4.98 -3.52
C THR A 25 -4.45 6.26 -4.35
N SER A 26 -3.45 6.60 -5.15
CA SER A 26 -3.40 7.71 -6.04
C SER A 26 -2.58 7.36 -7.26
N PRO A 27 -3.11 7.27 -8.48
CA PRO A 27 -4.54 7.27 -8.70
C PRO A 27 -5.25 6.09 -8.03
N ASP A 28 -6.54 6.20 -8.08
CA ASP A 28 -7.45 5.25 -7.49
C ASP A 28 -7.38 3.94 -8.28
N ILE A 29 -7.24 2.77 -7.59
CA ILE A 29 -7.27 1.47 -8.26
C ILE A 29 -8.54 0.69 -7.91
N PHE A 30 -9.42 1.27 -7.07
CA PHE A 30 -10.46 0.51 -6.41
C PHE A 30 -11.67 0.27 -7.29
N LYS A 31 -11.66 0.62 -8.59
CA LYS A 31 -12.68 0.10 -9.52
C LYS A 31 -12.29 -1.26 -10.09
N GLN A 32 -10.99 -1.52 -10.13
CA GLN A 32 -10.46 -2.76 -10.64
C GLN A 32 -10.20 -3.76 -9.47
N VAL A 33 -10.16 -3.33 -8.20
CA VAL A 33 -9.74 -4.24 -7.14
C VAL A 33 -10.30 -3.73 -5.79
N SER A 34 -10.44 -4.62 -4.81
CA SER A 34 -10.99 -4.24 -3.53
C SER A 34 -10.58 -5.21 -2.43
N ASN A 35 -10.82 -4.80 -1.19
CA ASN A 35 -10.63 -5.67 -0.07
C ASN A 35 -9.19 -6.23 -0.02
N ILE A 36 -8.13 -5.37 0.01
CA ILE A 36 -6.75 -5.84 -0.06
C ILE A 36 -6.16 -5.92 1.34
N THR A 37 -5.85 -7.15 1.73
CA THR A 37 -5.24 -7.42 3.02
C THR A 37 -3.87 -7.98 2.75
N GLU A 38 -2.89 -7.58 3.53
CA GLU A 38 -1.57 -8.16 3.38
C GLU A 38 -1.02 -8.63 4.70
N PHE A 39 -0.17 -9.67 4.60
CA PHE A 39 0.50 -10.26 5.74
C PHE A 39 1.97 -10.42 5.39
N TYR A 40 2.80 -9.74 6.17
CA TYR A 40 4.21 -9.74 5.88
C TYR A 40 4.98 -10.34 7.02
N SER A 41 5.92 -11.20 6.66
CA SER A 41 6.93 -11.70 7.58
C SER A 41 8.29 -11.21 7.20
N ALA A 42 9.11 -11.05 8.22
CA ALA A 42 10.44 -10.53 8.07
C ALA A 42 11.38 -11.73 7.95
N HIS A 43 12.37 -11.57 7.07
CA HIS A 43 13.33 -12.59 6.71
C HIS A 43 14.68 -11.83 6.69
N GLY A 44 15.25 -11.58 7.89
CA GLY A 44 16.28 -10.55 8.04
C GLY A 44 15.73 -9.18 7.64
N ASN A 45 16.34 -8.50 6.65
CA ASN A 45 15.84 -7.21 6.22
C ASN A 45 14.81 -7.32 5.07
N ASP A 46 14.41 -8.51 4.64
CA ASP A 46 13.38 -8.61 3.60
C ASP A 46 12.11 -9.20 4.17
N TYR A 47 11.12 -9.35 3.29
CA TYR A 47 9.78 -9.77 3.71
C TYR A 47 9.25 -10.76 2.70
N TYR A 48 8.36 -11.58 3.18
CA TYR A 48 7.72 -12.49 2.26
C TYR A 48 6.35 -12.53 2.84
N GLY A 49 5.39 -12.74 1.97
CA GLY A 49 4.05 -12.49 2.40
C GLY A 49 2.96 -13.02 1.48
N THR A 50 1.76 -12.73 1.95
CA THR A 50 0.53 -13.05 1.28
C THR A 50 -0.27 -11.77 1.14
N VAL A 51 -0.85 -11.60 -0.04
CA VAL A 51 -1.89 -10.62 -0.25
C VAL A 51 -3.14 -11.36 -0.70
N THR A 52 -4.27 -10.90 -0.18
CA THR A 52 -5.59 -11.38 -0.56
C THR A 52 -6.35 -10.15 -1.02
N ASP A 53 -7.22 -10.37 -2.01
CA ASP A 53 -8.04 -9.30 -2.51
C ASP A 53 -9.24 -9.84 -3.28
N TYR A 54 -10.23 -8.98 -3.55
CA TYR A 54 -11.32 -9.31 -4.42
C TYR A 54 -11.06 -8.66 -5.78
N SER A 55 -11.24 -9.47 -6.80
CA SER A 55 -11.00 -9.15 -8.20
C SER A 55 -12.29 -9.41 -8.95
N PRO A 56 -12.75 -8.46 -9.77
CA PRO A 56 -13.96 -8.64 -10.57
C PRO A 56 -13.95 -9.87 -11.46
N GLU A 57 -12.79 -10.41 -11.75
CA GLU A 57 -12.66 -11.47 -12.72
C GLU A 57 -12.34 -12.80 -12.05
N TYR A 58 -11.63 -12.73 -10.89
CA TYR A 58 -11.11 -13.92 -10.19
C TYR A 58 -11.83 -14.13 -8.86
N GLY A 59 -12.74 -13.26 -8.47
CA GLY A 59 -13.18 -13.22 -7.10
C GLY A 59 -12.03 -13.09 -6.10
N LEU A 60 -12.30 -13.65 -4.95
CA LEU A 60 -11.45 -13.60 -3.79
C LEU A 60 -10.25 -14.48 -4.09
N GLU A 61 -9.09 -13.87 -3.98
CA GLU A 61 -7.90 -14.54 -4.48
C GLU A 61 -6.73 -14.24 -3.55
N ALA A 62 -5.65 -14.96 -3.75
CA ALA A 62 -4.44 -14.73 -2.99
C ALA A 62 -3.21 -14.78 -3.90
N HIS A 63 -2.11 -14.16 -3.38
CA HIS A 63 -0.84 -14.02 -4.11
C HIS A 63 0.23 -14.20 -3.07
N ARG A 64 1.32 -14.81 -3.48
CA ARG A 64 2.49 -14.92 -2.61
C ARG A 64 3.35 -13.75 -3.05
N VAL A 65 4.06 -13.14 -2.10
CA VAL A 65 4.88 -11.98 -2.47
C VAL A 65 6.22 -11.97 -1.74
N ASN A 66 7.19 -11.29 -2.35
CA ASN A 66 8.54 -11.05 -1.85
C ASN A 66 8.81 -9.57 -1.91
N LEU A 67 9.26 -8.99 -0.81
CA LEU A 67 9.82 -7.63 -0.73
C LEU A 67 11.31 -7.72 -0.45
N THR A 68 12.07 -7.29 -1.43
CA THR A 68 13.51 -7.35 -1.37
C THR A 68 14.01 -5.94 -1.11
N VAL A 69 14.51 -5.69 0.10
CA VAL A 69 14.66 -4.34 0.62
C VAL A 69 16.11 -3.89 0.53
N SER A 70 16.33 -2.66 0.02
CA SER A 70 17.65 -2.08 -0.31
C SER A 70 17.67 -0.56 -0.05
N GLY A 71 18.18 -0.19 1.14
CA GLY A 71 17.96 1.12 1.75
C GLY A 71 16.48 1.49 1.78
N ARG A 72 16.16 2.54 1.04
CA ARG A 72 14.86 3.17 1.13
C ARG A 72 14.00 2.74 -0.07
N THR A 73 14.54 1.90 -0.97
CA THR A 73 13.77 1.36 -2.06
C THR A 73 13.40 -0.09 -1.69
N LEU A 74 12.32 -0.61 -2.26
CA LEU A 74 12.26 -2.05 -2.33
C LEU A 74 11.61 -2.51 -3.61
N LYS A 75 11.75 -3.81 -3.89
CA LYS A 75 11.26 -4.43 -5.09
C LYS A 75 10.22 -5.41 -4.62
N PHE A 76 8.99 -5.17 -5.05
CA PHE A 76 7.88 -6.03 -4.78
C PHE A 76 7.67 -6.96 -6.00
N TYR A 77 7.59 -8.25 -5.73
CA TYR A 77 7.40 -9.27 -6.72
C TYR A 77 6.28 -10.19 -6.20
N MET A 78 5.35 -10.54 -7.09
CA MET A 78 4.20 -11.40 -6.81
C MET A 78 4.26 -12.65 -7.67
N ASN A 79 3.49 -13.65 -7.26
CA ASN A 79 3.72 -14.91 -7.92
C ASN A 79 3.01 -14.94 -9.26
N ASP A 80 1.85 -14.36 -9.43
CA ASP A 80 1.03 -14.86 -10.54
C ASP A 80 0.35 -13.73 -11.29
N THR A 81 0.54 -12.49 -10.82
CA THR A 81 0.21 -11.30 -11.58
C THR A 81 1.28 -10.25 -11.32
N HIS A 82 1.85 -9.75 -12.43
CA HIS A 82 3.08 -8.96 -12.39
C HIS A 82 2.76 -7.48 -12.56
N GLU A 83 1.45 -7.10 -12.54
CA GLU A 83 1.00 -5.75 -12.83
C GLU A 83 1.42 -4.80 -11.70
N TYR A 84 1.81 -5.29 -10.52
CA TYR A 84 2.12 -4.38 -9.42
C TYR A 84 3.59 -4.54 -9.06
N ASP A 85 4.32 -5.29 -9.92
CA ASP A 85 5.74 -5.60 -9.73
C ASP A 85 6.60 -4.38 -10.06
N SER A 86 7.41 -3.89 -9.09
CA SER A 86 8.06 -2.58 -9.20
C SER A 86 9.04 -2.32 -8.06
N LYS A 87 9.83 -1.28 -8.25
CA LYS A 87 10.60 -0.78 -7.12
C LYS A 87 9.66 0.18 -6.43
N TYR A 88 9.67 0.21 -5.13
CA TYR A 88 8.79 1.11 -4.43
C TYR A 88 9.71 1.84 -3.49
N GLU A 89 9.47 3.12 -3.35
CA GLU A 89 10.13 3.90 -2.31
C GLU A 89 9.18 4.15 -1.12
N ILE A 90 9.71 4.03 0.08
CA ILE A 90 9.01 4.37 1.29
C ILE A 90 8.94 5.87 1.46
N LEU A 91 7.72 6.37 1.58
CA LEU A 91 7.52 7.78 1.68
C LEU A 91 7.27 8.08 3.16
N ALA A 92 6.59 7.19 3.89
CA ALA A 92 6.22 7.46 5.26
C ALA A 92 5.95 6.13 5.95
N VAL A 93 6.25 6.07 7.24
CA VAL A 93 6.17 4.81 7.92
C VAL A 93 5.79 5.08 9.36
N ASP A 94 4.82 4.36 9.91
CA ASP A 94 4.34 4.67 11.24
C ASP A 94 3.84 3.37 11.91
N LYS A 95 3.75 3.34 13.25
CA LYS A 95 2.97 2.38 14.01
C LYS A 95 1.79 1.85 13.17
N ASP A 96 0.90 2.77 12.74
CA ASP A 96 -0.41 2.53 12.20
C ASP A 96 -0.52 2.55 10.69
N TYR A 97 0.50 2.99 9.93
CA TYR A 97 0.36 3.08 8.47
C TYR A 97 1.72 3.14 7.83
N PHE A 98 1.80 2.77 6.54
CA PHE A 98 3.02 3.11 5.76
C PHE A 98 2.65 3.56 4.32
N ILE A 99 3.46 4.44 3.76
CA ILE A 99 3.15 4.90 2.40
C ILE A 99 4.34 4.58 1.53
N PHE A 100 4.04 4.07 0.35
CA PHE A 100 5.07 3.92 -0.64
C PHE A 100 4.58 4.29 -2.03
N TYR A 101 5.58 4.53 -2.88
CA TYR A 101 5.35 5.07 -4.22
C TYR A 101 6.17 4.25 -5.21
N GLY A 102 5.58 3.83 -6.33
CA GLY A 102 6.39 3.15 -7.33
C GLY A 102 5.81 3.44 -8.71
N HIS A 103 6.12 2.65 -9.74
CA HIS A 103 5.65 2.93 -11.07
C HIS A 103 5.38 1.60 -11.70
N PRO A 104 4.48 0.79 -11.16
CA PRO A 104 4.25 -0.51 -11.79
C PRO A 104 3.61 -0.39 -13.17
N PRO A 105 3.52 -1.50 -13.95
CA PRO A 105 2.80 -1.52 -15.23
C PRO A 105 1.32 -1.12 -15.21
N ALA A 106 0.69 -1.42 -14.05
CA ALA A 106 -0.66 -0.98 -13.75
C ALA A 106 -0.77 0.55 -13.70
N ALA A 107 0.33 1.24 -13.32
CA ALA A 107 0.27 2.69 -13.16
C ALA A 107 1.68 3.23 -13.46
N PRO A 108 2.09 3.15 -14.75
CA PRO A 108 3.43 3.49 -15.13
C PRO A 108 3.89 4.90 -14.77
N SER A 109 3.01 5.88 -14.68
CA SER A 109 3.37 7.26 -14.32
C SER A 109 3.50 7.47 -12.81
N GLY A 110 3.23 6.47 -11.98
CA GLY A 110 3.30 6.78 -10.56
C GLY A 110 2.09 6.21 -9.84
N LEU A 111 2.32 5.43 -8.76
CA LEU A 111 1.25 4.91 -7.93
C LEU A 111 1.64 5.07 -6.46
N ALA A 112 0.84 5.83 -5.75
CA ALA A 112 1.11 5.92 -4.31
C ALA A 112 0.13 5.00 -3.56
N LEU A 113 0.61 4.28 -2.54
CA LEU A 113 -0.22 3.36 -1.79
C LEU A 113 -0.09 3.57 -0.29
N ILE A 114 -1.24 3.73 0.36
CA ILE A 114 -1.30 3.77 1.83
C ILE A 114 -1.93 2.47 2.43
N HIS A 115 -1.14 1.81 3.31
CA HIS A 115 -1.51 0.63 4.08
C HIS A 115 -1.60 1.05 5.52
N TYR A 116 -2.63 0.45 6.12
CA TYR A 116 -3.04 0.85 7.47
C TYR A 116 -3.12 -0.40 8.33
N ARG A 117 -2.86 -0.27 9.63
CA ARG A 117 -3.12 -1.36 10.57
C ARG A 117 -4.62 -1.62 10.68
N GLN A 118 -5.45 -0.58 10.60
CA GLN A 118 -6.88 -0.74 10.86
C GLN A 118 -7.59 -0.97 9.52
N SER A 119 -8.69 -1.68 9.54
CA SER A 119 -9.50 -1.93 8.36
C SER A 119 -10.23 -0.68 7.87
N CYS A 120 -10.71 0.16 8.83
CA CYS A 120 -11.42 1.41 8.62
C CYS A 120 -10.70 2.48 9.41
N PRO A 121 -9.67 3.10 8.81
CA PRO A 121 -8.84 4.04 9.57
C PRO A 121 -9.70 5.22 9.98
N LYS A 122 -9.55 5.62 11.23
CA LYS A 122 -10.30 6.73 11.80
C LYS A 122 -9.58 8.08 11.61
N GLU A 123 -10.20 9.19 12.09
CA GLU A 123 -9.71 10.56 12.10
C GLU A 123 -8.32 10.63 12.77
N ASP A 124 -8.06 9.92 13.89
CA ASP A 124 -6.73 9.89 14.53
C ASP A 124 -5.61 9.56 13.51
N VAL A 125 -5.88 8.59 12.63
CA VAL A 125 -4.90 8.10 11.65
C VAL A 125 -4.93 8.96 10.40
N ILE A 126 -6.13 9.30 9.93
CA ILE A 126 -6.23 10.06 8.71
C ILE A 126 -5.57 11.44 8.87
N LYS A 127 -5.67 12.11 10.04
CA LYS A 127 -4.93 13.36 10.18
C LYS A 127 -3.42 13.13 10.09
N ARG A 128 -2.86 12.06 10.64
CA ARG A 128 -1.42 11.86 10.46
C ARG A 128 -1.08 11.59 8.98
N VAL A 129 -1.90 10.79 8.29
CA VAL A 129 -1.64 10.43 6.88
C VAL A 129 -1.57 11.73 6.09
N LYS A 130 -2.55 12.63 6.24
CA LYS A 130 -2.57 13.86 5.51
C LYS A 130 -1.29 14.65 5.70
N LYS A 131 -0.75 14.73 6.92
CA LYS A 131 0.43 15.55 7.20
C LYS A 131 1.68 14.92 6.61
N ALA A 132 1.73 13.61 6.73
CA ALA A 132 2.69 12.79 6.05
C ALA A 132 2.71 13.07 4.54
N LEU A 133 1.58 13.05 3.84
CA LEU A 133 1.55 13.28 2.41
C LEU A 133 2.01 14.70 2.07
N LYS A 134 1.68 15.70 2.90
CA LYS A 134 2.09 17.07 2.65
C LYS A 134 3.59 17.20 2.83
N ASN A 135 4.21 16.44 3.71
CA ASN A 135 5.66 16.56 3.81
C ASN A 135 6.40 16.02 2.59
N VAL A 136 5.71 15.22 1.74
CA VAL A 136 6.33 14.71 0.54
C VAL A 136 5.55 15.23 -0.67
N CYS A 137 4.97 16.42 -0.54
CA CYS A 137 4.42 17.09 -1.70
C CYS A 137 3.29 16.32 -2.34
N LEU A 138 2.63 15.46 -1.56
CA LEU A 138 1.40 14.91 -2.12
C LEU A 138 0.25 15.45 -1.30
N ASP A 139 -0.93 15.25 -1.88
CA ASP A 139 -2.14 15.74 -1.26
C ASP A 139 -3.29 14.71 -1.25
N TYR A 140 -3.73 14.41 -0.01
CA TYR A 140 -4.78 13.45 0.34
C TYR A 140 -6.07 13.64 -0.46
N LYS A 141 -6.34 14.85 -0.95
CA LYS A 141 -7.61 14.98 -1.63
C LYS A 141 -7.48 14.36 -3.02
N TYR A 142 -6.26 14.08 -3.54
CA TYR A 142 -6.21 13.44 -4.83
C TYR A 142 -6.20 11.90 -4.73
N PHE A 143 -6.38 11.33 -3.54
CA PHE A 143 -6.34 9.90 -3.38
C PHE A 143 -7.74 9.37 -3.49
N GLY A 144 -7.94 8.18 -4.08
CA GLY A 144 -9.15 7.40 -3.97
C GLY A 144 -9.04 6.34 -2.89
N ASN A 145 -10.20 5.91 -2.42
CA ASN A 145 -10.22 4.96 -1.34
C ASN A 145 -11.16 3.81 -1.70
N ASP A 146 -11.01 2.70 -0.93
CA ASP A 146 -11.74 1.44 -1.11
C ASP A 146 -13.16 1.62 -0.53
N THR A 147 -14.10 2.13 -1.34
CA THR A 147 -15.50 2.33 -0.98
C THR A 147 -16.35 1.01 -0.97
N SER A 148 -15.78 -0.17 -1.25
CA SER A 148 -16.46 -1.45 -1.03
C SER A 148 -16.26 -1.95 0.39
N VAL A 149 -15.31 -1.47 1.17
CA VAL A 149 -15.17 -1.91 2.53
C VAL A 149 -16.20 -1.16 3.36
N PRO A 150 -17.08 -1.79 4.17
CA PRO A 150 -18.12 -1.02 4.89
C PRO A 150 -17.45 -0.46 6.12
N CYS A 151 -17.35 0.85 6.16
CA CYS A 151 -16.71 1.46 7.30
C CYS A 151 -17.69 2.31 8.09
N HIS A 152 -18.92 2.49 7.59
CA HIS A 152 -19.95 3.30 8.27
C HIS A 152 -21.35 2.76 8.02
N TYR A 153 -22.28 2.98 8.94
CA TYR A 153 -23.61 2.41 8.81
C TYR A 153 -24.39 3.10 7.68
N VAL A 154 -25.67 2.74 7.48
CA VAL A 154 -26.48 3.25 6.38
C VAL A 154 -25.68 3.04 5.09
#